data_8UN8
#
_entry.id   8UN8
#
_entity_poly.entity_id   1
_entity_poly.type   'polypeptide(L)'
_entity_poly.pdbx_seq_one_letter_code
;(ACE)LDAALLAAAKAW(NH2)
;
_entity_poly.pdbx_strand_id   A
#
loop_
_chem_comp.id
_chem_comp.type
_chem_comp.name
_chem_comp.formula
ACE non-polymer 'ACETYL GROUP' 'C2 H4 O'
NH2 non-polymer 'AMINO GROUP' 'H2 N'
#
# COMPACT_ATOMS: atom_id res chain seq x y z
C ACE A 1 -8.50 6.90 1.24
O ACE A 1 -8.69 7.23 0.07
CH3 ACE A 1 -9.13 7.71 2.37
H1 ACE A 1 -9.76 8.49 1.95
H2 ACE A 1 -9.75 7.04 2.98
H3 ACE A 1 -8.35 8.15 2.99
N LEU A 2 -7.75 5.85 1.59
CA LEU A 2 -7.09 4.93 0.67
C LEU A 2 -7.03 3.57 1.37
N ASP A 3 -7.05 2.48 0.60
CA ASP A 3 -7.01 1.09 1.09
C ASP A 3 -5.67 0.79 1.78
N ALA A 4 -5.73 0.33 3.04
CA ALA A 4 -4.59 -0.13 3.83
C ALA A 4 -3.78 -1.25 3.17
N ALA A 5 -4.46 -2.11 2.39
CA ALA A 5 -3.82 -3.21 1.65
C ALA A 5 -3.16 -2.73 0.34
N LEU A 6 -3.55 -1.55 -0.15
CA LEU A 6 -2.92 -0.87 -1.27
C LEU A 6 -1.66 -0.15 -0.74
N LEU A 7 -1.84 0.58 0.37
CA LEU A 7 -0.80 1.23 1.17
C LEU A 7 0.37 0.29 1.51
N ALA A 8 0.04 -0.94 1.93
CA ALA A 8 0.97 -2.03 2.24
C ALA A 8 1.81 -2.53 1.05
N ALA A 9 1.35 -2.29 -0.19
CA ALA A 9 2.12 -2.54 -1.41
C ALA A 9 2.84 -1.26 -1.87
N ALA A 10 2.18 -0.10 -1.72
CA ALA A 10 2.71 1.21 -2.10
C ALA A 10 4.06 1.48 -1.41
N LYS A 11 4.09 1.13 -0.12
CA LYS A 11 5.24 0.83 0.74
C LYS A 11 6.49 0.28 0.04
N ALA A 12 6.33 -0.72 -0.84
CA ALA A 12 7.42 -1.46 -1.47
C ALA A 12 7.71 -0.93 -2.90
N TRP A 13 6.90 0.02 -3.36
CA TRP A 13 6.77 0.43 -4.76
C TRP A 13 7.29 1.86 -5.02
N NH2 A 14 7.37 2.72 -4.02
HN1 NH2 A 14 7.07 2.45 -3.09
HN2 NH2 A 14 7.72 3.66 -4.18
C ACE A 1 -8.91 6.17 1.51
O ACE A 1 -9.68 5.40 0.92
CH3 ACE A 1 -9.46 7.20 2.47
H1 ACE A 1 -10.05 7.93 1.92
H2 ACE A 1 -10.09 6.71 3.22
H3 ACE A 1 -8.63 7.71 2.96
N LEU A 2 -7.58 6.12 1.34
CA LEU A 2 -6.87 5.15 0.51
C LEU A 2 -6.85 3.78 1.21
N ASP A 3 -6.91 2.70 0.41
CA ASP A 3 -6.90 1.31 0.86
C ASP A 3 -5.59 0.94 1.58
N ALA A 4 -5.69 0.45 2.83
CA ALA A 4 -4.59 -0.06 3.64
C ALA A 4 -3.80 -1.19 2.97
N ALA A 5 -4.47 -2.01 2.14
CA ALA A 5 -3.83 -3.09 1.39
C ALA A 5 -3.13 -2.60 0.12
N LEU A 6 -3.47 -1.38 -0.34
CA LEU A 6 -2.78 -0.69 -1.43
C LEU A 6 -1.54 -0.02 -0.83
N LEU A 7 -1.72 0.67 0.30
CA LEU A 7 -0.69 1.28 1.14
C LEU A 7 0.44 0.29 1.48
N ALA A 8 0.07 -0.94 1.86
CA ALA A 8 0.96 -2.06 2.16
C ALA A 8 1.84 -2.54 0.98
N ALA A 9 1.42 -2.25 -0.26
CA ALA A 9 2.23 -2.48 -1.47
C ALA A 9 2.97 -1.19 -1.88
N ALA A 10 2.33 -0.02 -1.70
CA ALA A 10 2.88 1.30 -2.03
C ALA A 10 4.22 1.52 -1.32
N LYS A 11 4.22 1.13 -0.04
CA LYS A 11 5.35 0.77 0.84
C LYS A 11 6.61 0.23 0.13
N ALA A 12 6.46 -0.73 -0.78
CA ALA A 12 7.55 -1.45 -1.42
C ALA A 12 7.87 -0.90 -2.82
N TRP A 13 7.06 0.07 -3.28
CA TRP A 13 6.94 0.49 -4.67
C TRP A 13 7.38 1.92 -4.96
N NH2 A 14 7.17 2.84 -4.01
HN1 NH2 A 14 6.77 2.56 -3.12
HN2 NH2 A 14 7.40 3.80 -4.18
C ACE A 1 -8.93 6.15 1.52
O ACE A 1 -9.70 5.39 0.95
CH3 ACE A 1 -9.48 7.20 2.48
H1 ACE A 1 -10.07 7.92 1.93
H2 ACE A 1 -10.10 6.71 3.23
H3 ACE A 1 -8.65 7.71 2.97
N LEU A 2 -7.60 6.11 1.35
CA LEU A 2 -6.89 5.13 0.52
C LEU A 2 -6.86 3.77 1.23
N ASP A 3 -6.92 2.69 0.45
CA ASP A 3 -6.92 1.29 0.90
C ASP A 3 -5.60 0.94 1.61
N ALA A 4 -5.70 0.46 2.86
CA ALA A 4 -4.60 -0.04 3.68
C ALA A 4 -3.80 -1.17 3.00
N ALA A 5 -4.47 -2.00 2.19
CA ALA A 5 -3.84 -3.09 1.44
C ALA A 5 -3.13 -2.60 0.16
N LEU A 6 -3.49 -1.40 -0.31
CA LEU A 6 -2.81 -0.71 -1.40
C LEU A 6 -1.55 -0.04 -0.82
N LEU A 7 -1.74 0.67 0.31
CA LEU A 7 -0.70 1.28 1.14
C LEU A 7 0.44 0.30 1.48
N ALA A 8 0.06 -0.93 1.86
CA ALA A 8 0.96 -2.05 2.17
C ALA A 8 1.83 -2.53 0.99
N ALA A 9 1.40 -2.25 -0.25
CA ALA A 9 2.20 -2.49 -1.45
C ALA A 9 2.94 -1.22 -1.87
N ALA A 10 2.31 -0.04 -1.71
CA ALA A 10 2.86 1.28 -2.06
C ALA A 10 4.20 1.50 -1.34
N LYS A 11 4.21 1.12 -0.06
CA LYS A 11 5.33 0.77 0.82
C LYS A 11 6.60 0.22 0.11
N ALA A 12 6.43 -0.75 -0.79
CA ALA A 12 7.53 -1.48 -1.43
C ALA A 12 7.85 -0.94 -2.82
N TRP A 13 7.04 0.03 -3.29
CA TRP A 13 6.93 0.45 -4.69
C TRP A 13 7.45 1.89 -4.93
N NH2 A 14 7.37 2.72 -4.02
HN1 NH2 A 14 7.02 2.45 -3.12
HN2 NH2 A 14 7.65 3.68 -4.19
C ACE A 1 -8.38 6.96 1.19
O ACE A 1 -8.52 7.34 0.03
CH3 ACE A 1 -9.03 7.74 2.33
H1 ACE A 1 -9.65 8.52 1.92
H2 ACE A 1 -9.65 7.06 2.92
H3 ACE A 1 -8.27 8.17 2.96
N LEU A 2 -7.64 5.89 1.53
CA LEU A 2 -6.97 4.99 0.59
C LEU A 2 -6.93 3.61 1.26
N ASP A 3 -6.94 2.55 0.45
CA ASP A 3 -6.93 1.15 0.89
C ASP A 3 -5.61 0.80 1.61
N ALA A 4 -5.71 0.32 2.85
CA ALA A 4 -4.60 -0.19 3.66
C ALA A 4 -3.78 -1.31 2.99
N ALA A 5 -4.45 -2.13 2.16
CA ALA A 5 -3.80 -3.20 1.40
C ALA A 5 -3.10 -2.68 0.13
N LEU A 6 -3.46 -1.48 -0.33
CA LEU A 6 -2.79 -0.77 -1.42
C LEU A 6 -1.55 -0.09 -0.82
N LEU A 7 -1.75 0.60 0.31
CA LEU A 7 -0.73 1.22 1.16
C LEU A 7 0.43 0.25 1.50
N ALA A 8 0.07 -0.98 1.86
CA ALA A 8 0.99 -2.09 2.16
C ALA A 8 1.86 -2.55 0.98
N ALA A 9 1.44 -2.27 -0.27
CA ALA A 9 2.25 -2.48 -1.46
C ALA A 9 2.97 -1.19 -1.87
N ALA A 10 2.31 -0.03 -1.69
CA ALA A 10 2.85 1.31 -2.03
C ALA A 10 4.18 1.55 -1.31
N LYS A 11 4.19 1.15 -0.02
CA LYS A 11 5.33 0.81 0.84
C LYS A 11 6.59 0.30 0.14
N ALA A 12 6.45 -0.67 -0.78
CA ALA A 12 7.56 -1.38 -1.43
C ALA A 12 7.86 -0.80 -2.82
N TRP A 13 7.04 0.14 -3.27
CA TRP A 13 6.90 0.57 -4.67
C TRP A 13 7.33 1.99 -4.96
N NH2 A 14 7.08 2.88 -3.99
HN1 NH2 A 14 6.68 2.57 -3.11
HN2 NH2 A 14 7.29 3.85 -4.13
C ACE A 1 -8.98 6.10 1.63
O ACE A 1 -9.77 5.33 1.09
CH3 ACE A 1 -9.51 7.17 2.57
H1 ACE A 1 -10.11 7.89 2.01
H2 ACE A 1 -10.14 6.71 3.33
H3 ACE A 1 -8.68 7.69 3.04
N LEU A 2 -7.66 6.08 1.41
CA LEU A 2 -6.97 5.08 0.59
C LEU A 2 -6.91 3.73 1.34
N ASP A 3 -6.98 2.63 0.58
CA ASP A 3 -6.95 1.25 1.08
C ASP A 3 -5.60 0.93 1.77
N ALA A 4 -5.67 0.48 3.03
CA ALA A 4 -4.53 0.00 3.83
C ALA A 4 -3.75 -1.14 3.17
N ALA A 5 -4.44 -1.99 2.39
CA ALA A 5 -3.82 -3.10 1.66
C ALA A 5 -3.16 -2.63 0.34
N LEU A 6 -3.53 -1.45 -0.15
CA LEU A 6 -2.88 -0.78 -1.28
C LEU A 6 -1.63 -0.09 -0.75
N LEU A 7 -1.79 0.65 0.35
CA LEU A 7 -0.73 1.29 1.15
C LEU A 7 0.43 0.33 1.49
N ALA A 8 0.07 -0.89 1.91
CA ALA A 8 0.98 -1.99 2.22
C ALA A 8 1.82 -2.51 1.03
N ALA A 9 1.36 -2.28 -0.21
CA ALA A 9 2.13 -2.53 -1.42
C ALA A 9 2.86 -1.26 -1.89
N ALA A 10 2.22 -0.09 -1.74
CA ALA A 10 2.77 1.21 -2.13
C ALA A 10 4.12 1.47 -1.45
N LYS A 11 4.15 1.13 -0.16
CA LYS A 11 5.29 0.81 0.70
C LYS A 11 6.54 0.23 -0.01
N ALA A 12 6.36 -0.77 -0.88
CA ALA A 12 7.43 -1.52 -1.52
C ALA A 12 7.73 -1.00 -2.93
N TRP A 13 6.93 -0.05 -3.41
CA TRP A 13 6.80 0.35 -4.81
C TRP A 13 7.34 1.78 -5.08
N NH2 A 14 7.37 2.72 -4.02
HN1 NH2 A 14 7.04 2.46 -3.10
HN2 NH2 A 14 7.71 3.66 -4.19
C ACE A 1 -8.47 6.90 1.26
O ACE A 1 -8.66 7.24 0.09
CH3 ACE A 1 -9.09 7.70 2.39
H1 ACE A 1 -9.73 8.49 1.97
H2 ACE A 1 -9.71 7.04 3.01
H3 ACE A 1 -8.31 8.15 3.00
N LEU A 2 -7.72 5.85 1.60
CA LEU A 2 -7.06 4.93 0.68
C LEU A 2 -6.99 3.56 1.40
N ASP A 3 -7.02 2.48 0.63
CA ASP A 3 -6.98 1.10 1.12
C ASP A 3 -5.64 0.79 1.80
N ALA A 4 -5.68 0.34 3.05
CA ALA A 4 -4.54 -0.12 3.85
C ALA A 4 -3.74 -1.25 3.18
N ALA A 5 -4.42 -2.11 2.41
CA ALA A 5 -3.79 -3.21 1.66
C ALA A 5 -3.13 -2.73 0.35
N LEU A 6 -3.52 -1.55 -0.14
CA LEU A 6 -2.90 -0.87 -1.27
C LEU A 6 -1.64 -0.15 -0.74
N LEU A 7 -1.81 0.58 0.38
CA LEU A 7 -0.76 1.23 1.16
C LEU A 7 0.40 0.29 1.50
N ALA A 8 0.08 -0.94 1.92
CA ALA A 8 1.01 -2.03 2.23
C ALA A 8 1.85 -2.52 1.04
N ALA A 9 1.38 -2.29 -0.20
CA ALA A 9 2.15 -2.54 -1.42
C ALA A 9 2.86 -1.26 -1.88
N ALA A 10 2.20 -0.09 -1.73
CA ALA A 10 2.72 1.22 -2.12
C ALA A 10 4.07 1.49 -1.44
N LYS A 11 4.12 1.15 -0.15
CA LYS A 11 5.27 0.85 0.70
C LYS A 11 6.53 0.30 -0.01
N ALA A 12 6.35 -0.71 -0.88
CA ALA A 12 7.45 -1.44 -1.52
C ALA A 12 7.73 -0.92 -2.94
N TRP A 13 6.91 0.03 -3.41
CA TRP A 13 6.77 0.43 -4.81
C TRP A 13 7.29 1.86 -5.08
N NH2 A 14 7.37 2.72 -4.02
HN1 NH2 A 14 7.07 2.43 -3.11
HN2 NH2 A 14 7.72 3.66 -4.16
C ACE A 1 -8.56 5.65 2.70
O ACE A 1 -8.84 6.10 1.60
CH3 ACE A 1 -9.18 6.27 3.95
H1 ACE A 1 -9.89 7.04 3.66
H2 ACE A 1 -9.69 5.50 4.52
H3 ACE A 1 -8.40 6.71 4.57
N LEU A 2 -7.71 4.62 2.88
CA LEU A 2 -7.05 3.87 1.82
C LEU A 2 -6.85 2.44 2.37
N ASP A 3 -6.85 1.45 1.47
CA ASP A 3 -6.68 0.02 1.80
C ASP A 3 -5.28 -0.25 2.38
N ALA A 4 -5.22 -0.84 3.58
CA ALA A 4 -4.01 -1.30 4.26
C ALA A 4 -3.16 -2.29 3.42
N ALA A 5 -3.82 -3.10 2.59
CA ALA A 5 -3.16 -4.05 1.68
C ALA A 5 -2.61 -3.38 0.42
N LEU A 6 -3.11 -2.18 0.09
CA LEU A 6 -2.59 -1.33 -0.98
C LEU A 6 -1.37 -0.59 -0.43
N LEU A 7 -1.53 -0.01 0.77
CA LEU A 7 -0.49 0.64 1.58
C LEU A 7 0.76 -0.25 1.75
N ALA A 8 0.55 -1.53 2.04
CA ALA A 8 1.57 -2.58 2.18
C ALA A 8 2.37 -2.87 0.90
N ALA A 9 1.82 -2.54 -0.28
CA ALA A 9 2.54 -2.59 -1.56
C ALA A 9 3.13 -1.21 -1.90
N ALA A 10 2.40 -0.13 -1.59
CA ALA A 10 2.81 1.26 -1.84
C ALA A 10 4.17 1.55 -1.20
N LYS A 11 4.31 1.07 0.04
CA LYS A 11 5.52 0.77 0.81
C LYS A 11 6.77 0.39 -0.03
N ALA A 12 6.63 -0.51 -1.00
CA ALA A 12 7.74 -1.08 -1.77
C ALA A 12 7.91 -0.37 -3.12
N TRP A 13 7.00 0.55 -3.44
CA TRP A 13 6.76 1.08 -4.78
C TRP A 13 7.04 2.68 -5.00
N NH2 A 14 7.30 3.34 -3.83
HN1 NH2 A 14 7.33 2.84 -2.96
HN2 NH2 A 14 7.45 4.34 -3.84
C ACE A 1 -8.84 6.15 1.82
O ACE A 1 -9.60 5.46 1.14
CH3 ACE A 1 -9.41 7.09 2.87
H1 ACE A 1 -10.02 7.85 2.38
H2 ACE A 1 -10.03 6.52 3.57
H3 ACE A 1 -8.60 7.57 3.40
N LEU A 2 -7.51 6.12 1.68
CA LEU A 2 -6.79 5.21 0.78
C LEU A 2 -6.78 3.78 1.34
N ASP A 3 -6.83 2.79 0.44
CA ASP A 3 -6.85 1.36 0.75
C ASP A 3 -5.56 0.92 1.47
N ALA A 4 -5.71 0.30 2.65
CA ALA A 4 -4.63 -0.29 3.44
C ALA A 4 -3.81 -1.36 2.67
N ALA A 5 -4.47 -2.09 1.76
CA ALA A 5 -3.83 -3.09 0.92
C ALA A 5 -3.07 -2.47 -0.28
N LEU A 6 -3.40 -1.23 -0.63
CA LEU A 6 -2.68 -0.43 -1.62
C LEU A 6 -1.45 0.17 -0.93
N LEU A 7 -1.67 0.75 0.25
CA LEU A 7 -0.65 1.25 1.19
C LEU A 7 0.47 0.22 1.46
N ALA A 8 0.08 -1.04 1.68
CA ALA A 8 0.95 -2.19 1.89
C ALA A 8 1.85 -2.55 0.68
N ALA A 9 1.45 -2.16 -0.53
CA ALA A 9 2.28 -2.24 -1.73
C ALA A 9 3.08 -0.94 -1.91
N ALA A 10 2.42 0.21 -1.71
CA ALA A 10 2.97 1.55 -1.91
C ALA A 10 4.29 1.73 -1.13
N LYS A 11 4.26 1.24 0.11
CA LYS A 11 5.36 0.82 0.99
C LYS A 11 6.69 0.45 0.30
N ALA A 12 6.65 -0.43 -0.72
CA ALA A 12 7.83 -0.95 -1.43
C ALA A 12 8.07 -0.24 -2.76
N TRP A 13 7.06 0.50 -3.23
CA TRP A 13 6.81 0.79 -4.64
C TRP A 13 6.95 2.23 -5.00
N NH2 A 14 7.13 2.91 -3.84
HN1 NH2 A 14 7.08 2.41 -2.95
HN2 NH2 A 14 7.32 3.90 -3.86
C ACE A 1 -8.30 6.96 1.61
O ACE A 1 -8.42 7.46 0.49
CH3 ACE A 1 -8.98 7.63 2.79
H1 ACE A 1 -9.62 8.44 2.45
H2 ACE A 1 -9.59 6.88 3.32
H3 ACE A 1 -8.23 8.02 3.48
N LEU A 2 -7.58 5.86 1.85
CA LEU A 2 -6.88 5.05 0.85
C LEU A 2 -6.88 3.61 1.38
N ASP A 3 -6.88 2.64 0.47
CA ASP A 3 -6.89 1.20 0.76
C ASP A 3 -5.59 0.78 1.48
N ALA A 4 -5.72 0.16 2.66
CA ALA A 4 -4.63 -0.43 3.45
C ALA A 4 -3.81 -1.48 2.68
N ALA A 5 -4.45 -2.21 1.77
CA ALA A 5 -3.79 -3.21 0.91
C ALA A 5 -3.05 -2.58 -0.27
N LEU A 6 -3.40 -1.33 -0.63
CA LEU A 6 -2.70 -0.52 -1.62
C LEU A 6 -1.47 0.10 -0.93
N LEU A 7 -1.69 0.67 0.27
CA LEU A 7 -0.68 1.19 1.19
C LEU A 7 0.46 0.19 1.46
N ALA A 8 0.08 -1.08 1.68
CA ALA A 8 0.98 -2.22 1.90
C ALA A 8 1.87 -2.56 0.69
N ALA A 9 1.46 -2.18 -0.53
CA ALA A 9 2.30 -2.25 -1.73
C ALA A 9 3.08 -0.94 -1.91
N ALA A 10 2.40 0.21 -1.70
CA ALA A 10 2.93 1.56 -1.90
C ALA A 10 4.24 1.77 -1.12
N LYS A 11 4.22 1.27 0.12
CA LYS A 11 5.33 0.87 1.00
C LYS A 11 6.67 0.52 0.30
N ALA A 12 6.65 -0.35 -0.71
CA ALA A 12 7.83 -0.85 -1.42
C ALA A 12 8.05 -0.14 -2.77
N TRP A 13 7.03 0.58 -3.22
CA TRP A 13 6.77 0.87 -4.64
C TRP A 13 6.90 2.30 -5.00
N NH2 A 14 7.14 2.92 -3.81
HN1 NH2 A 14 7.11 2.39 -2.95
HN2 NH2 A 14 7.34 3.90 -3.79
C ACE A 1 -8.33 6.96 1.22
O ACE A 1 -8.50 7.34 0.06
CH3 ACE A 1 -9.00 7.73 2.36
H1 ACE A 1 -9.62 8.52 1.94
H2 ACE A 1 -9.61 7.05 2.94
H3 ACE A 1 -8.23 8.17 2.99
N LEU A 2 -7.60 5.90 1.54
CA LEU A 2 -6.94 4.99 0.61
C LEU A 2 -6.90 3.61 1.29
N ASP A 3 -6.91 2.55 0.47
CA ASP A 3 -6.90 1.15 0.92
C ASP A 3 -5.58 0.81 1.63
N ALA A 4 -5.68 0.31 2.86
CA ALA A 4 -4.56 -0.18 3.68
C ALA A 4 -3.74 -1.30 3.00
N ALA A 5 -4.41 -2.12 2.17
CA ALA A 5 -3.77 -3.20 1.41
C ALA A 5 -3.07 -2.68 0.14
N LEU A 6 -3.44 -1.49 -0.32
CA LEU A 6 -2.76 -0.77 -1.41
C LEU A 6 -1.53 -0.09 -0.82
N LEU A 7 -1.72 0.60 0.31
CA LEU A 7 -0.69 1.22 1.15
C LEU A 7 0.46 0.25 1.49
N ALA A 8 0.11 -0.99 1.85
CA ALA A 8 1.03 -2.09 2.15
C ALA A 8 1.90 -2.54 0.96
N ALA A 9 1.47 -2.27 -0.28
CA ALA A 9 2.28 -2.47 -1.49
C ALA A 9 2.99 -1.18 -1.89
N ALA A 10 2.34 -0.02 -1.72
CA ALA A 10 2.86 1.32 -2.04
C ALA A 10 4.20 1.55 -1.34
N LYS A 11 4.23 1.17 -0.06
CA LYS A 11 5.35 0.84 0.81
C LYS A 11 6.63 0.32 0.09
N ALA A 12 6.47 -0.65 -0.82
CA ALA A 12 7.58 -1.36 -1.47
C ALA A 12 7.88 -0.79 -2.87
N TRP A 13 7.05 0.16 -3.32
CA TRP A 13 6.91 0.58 -4.72
C TRP A 13 7.32 2.01 -5.01
N NH2 A 14 7.10 2.86 -4.00
HN1 NH2 A 14 6.72 2.52 -3.13
HN2 NH2 A 14 7.31 3.84 -4.11
C ACE A 1 -9.12 6.00 2.19
O ACE A 1 -9.91 5.27 1.57
CH3 ACE A 1 -9.66 6.96 3.24
H1 ACE A 1 -10.29 7.71 2.76
H2 ACE A 1 -10.27 6.41 3.97
H3 ACE A 1 -8.83 7.44 3.75
N LEU A 2 -7.80 6.00 1.99
CA LEU A 2 -7.09 5.09 1.07
C LEU A 2 -7.03 3.67 1.68
N ASP A 3 -7.10 2.66 0.81
CA ASP A 3 -7.06 1.24 1.16
C ASP A 3 -5.71 0.85 1.81
N ALA A 4 -5.77 0.28 3.02
CA ALA A 4 -4.64 -0.27 3.76
C ALA A 4 -3.84 -1.34 2.99
N ALA A 5 -4.52 -2.11 2.13
CA ALA A 5 -3.90 -3.13 1.28
C ALA A 5 -3.23 -2.53 0.04
N LEU A 6 -3.61 -1.30 -0.34
CA LEU A 6 -2.98 -0.51 -1.40
C LEU A 6 -1.72 0.14 -0.79
N LEU A 7 -1.89 0.75 0.39
CA LEU A 7 -0.84 1.31 1.24
C LEU A 7 0.32 0.33 1.48
N ALA A 8 -0.02 -0.93 1.78
CA ALA A 8 0.90 -2.05 1.97
C ALA A 8 1.74 -2.44 0.74
N ALA A 9 1.28 -2.08 -0.47
CA ALA A 9 2.04 -2.22 -1.70
C ALA A 9 2.76 -0.91 -2.05
N ALA A 10 2.12 0.24 -1.77
CA ALA A 10 2.66 1.58 -2.02
C ALA A 10 4.01 1.77 -1.33
N LYS A 11 4.05 1.30 -0.07
CA LYS A 11 5.19 0.91 0.75
C LYS A 11 6.44 0.42 -0.01
N ALA A 12 6.27 -0.49 -0.98
CA ALA A 12 7.35 -1.17 -1.69
C ALA A 12 7.65 -0.50 -3.04
N TRP A 13 6.84 0.49 -3.42
CA TRP A 13 6.71 1.02 -4.77
C TRP A 13 7.10 2.44 -5.01
N NH2 A 14 7.10 3.18 -3.97
HN1 NH2 A 14 6.83 2.79 -3.07
HN2 NH2 A 14 7.36 4.15 -4.04
C ACE A 1 -8.57 6.32 2.26
O ACE A 1 -9.55 5.66 1.94
CH3 ACE A 1 -8.70 7.40 3.34
H1 ACE A 1 -9.39 8.16 3.00
H2 ACE A 1 -9.07 6.95 4.26
H3 ACE A 1 -7.72 7.85 3.53
N LEU A 2 -7.35 6.16 1.70
CA LEU A 2 -7.03 5.14 0.71
C LEU A 2 -6.88 3.76 1.37
N ASP A 3 -7.07 2.69 0.58
CA ASP A 3 -7.01 1.29 0.98
C ASP A 3 -5.67 0.92 1.66
N ALA A 4 -5.75 0.46 2.91
CA ALA A 4 -4.63 -0.02 3.72
C ALA A 4 -3.84 -1.17 3.07
N ALA A 5 -4.53 -2.01 2.29
CA ALA A 5 -3.92 -3.14 1.57
C ALA A 5 -3.21 -2.69 0.28
N LEU A 6 -3.57 -1.51 -0.24
CA LEU A 6 -2.91 -0.84 -1.36
C LEU A 6 -1.67 -0.13 -0.81
N LEU A 7 -1.85 0.61 0.29
CA LEU A 7 -0.81 1.28 1.09
C LEU A 7 0.34 0.34 1.46
N ALA A 8 0.00 -0.88 1.90
CA ALA A 8 0.92 -1.97 2.24
C ALA A 8 1.78 -2.48 1.07
N ALA A 9 1.34 -2.27 -0.18
CA ALA A 9 2.14 -2.54 -1.38
C ALA A 9 2.85 -1.27 -1.86
N ALA A 10 2.20 -0.11 -1.74
CA ALA A 10 2.74 1.21 -2.13
C ALA A 10 4.07 1.48 -1.44
N LYS A 11 4.09 1.16 -0.14
CA LYS A 11 5.22 0.87 0.75
C LYS A 11 6.49 0.30 0.07
N ALA A 12 6.33 -0.72 -0.79
CA ALA A 12 7.43 -1.46 -1.40
C ALA A 12 7.75 -0.96 -2.82
N TRP A 13 6.94 -0.01 -3.32
CA TRP A 13 6.82 0.36 -4.73
C TRP A 13 7.36 1.79 -5.01
N NH2 A 14 7.37 2.72 -4.02
HN1 NH2 A 14 7.03 2.48 -3.10
HN2 NH2 A 14 7.70 3.65 -4.21
C ACE A 1 -8.47 6.36 2.19
O ACE A 1 -9.45 5.71 1.81
CH3 ACE A 1 -8.62 7.39 3.29
H1 ACE A 1 -9.32 8.17 2.97
H2 ACE A 1 -9.01 6.91 4.20
H3 ACE A 1 -7.65 7.83 3.51
N LEU A 2 -7.25 6.21 1.66
CA LEU A 2 -6.90 5.21 0.64
C LEU A 2 -6.79 3.80 1.27
N ASP A 3 -6.96 2.77 0.43
CA ASP A 3 -6.92 1.35 0.79
C ASP A 3 -5.61 0.95 1.49
N ALA A 4 -5.73 0.44 2.73
CA ALA A 4 -4.64 -0.08 3.55
C ALA A 4 -3.85 -1.21 2.89
N ALA A 5 -4.52 -2.03 2.05
CA ALA A 5 -3.89 -3.12 1.31
C ALA A 5 -3.15 -2.64 0.06
N LEU A 6 -3.49 -1.44 -0.42
CA LEU A 6 -2.78 -0.75 -1.51
C LEU A 6 -1.55 -0.07 -0.89
N LEU A 7 -1.76 0.63 0.22
CA LEU A 7 -0.74 1.27 1.08
C LEU A 7 0.40 0.30 1.45
N ALA A 8 0.04 -0.92 1.83
CA ALA A 8 0.94 -2.04 2.16
C ALA A 8 1.83 -2.51 1.00
N ALA A 9 1.43 -2.24 -0.25
CA ALA A 9 2.26 -2.48 -1.44
C ALA A 9 2.98 -1.19 -1.86
N ALA A 10 2.33 -0.03 -1.71
CA ALA A 10 2.87 1.29 -2.05
C ALA A 10 4.19 1.55 -1.33
N LYS A 11 4.19 1.18 -0.04
CA LYS A 11 5.31 0.85 0.85
C LYS A 11 6.59 0.32 0.18
N ALA A 12 6.46 -0.67 -0.73
CA ALA A 12 7.57 -1.38 -1.35
C ALA A 12 7.90 -0.84 -2.75
N TRP A 13 7.08 0.11 -3.24
CA TRP A 13 6.97 0.51 -4.64
C TRP A 13 7.52 1.89 -4.91
N NH2 A 14 7.60 2.73 -3.87
HN1 NH2 A 14 7.33 2.41 -2.95
HN2 NH2 A 14 7.94 3.67 -4.00
C ACE A 1 -8.48 6.36 2.18
O ACE A 1 -9.46 5.71 1.81
CH3 ACE A 1 -8.63 7.40 3.28
H1 ACE A 1 -9.32 8.18 2.95
H2 ACE A 1 -9.02 6.93 4.18
H3 ACE A 1 -7.66 7.86 3.48
N LEU A 2 -7.26 6.20 1.64
CA LEU A 2 -6.92 5.20 0.63
C LEU A 2 -6.80 3.79 1.27
N ASP A 3 -6.98 2.75 0.45
CA ASP A 3 -6.94 1.34 0.82
C ASP A 3 -5.62 0.94 1.52
N ALA A 4 -5.73 0.46 2.77
CA ALA A 4 -4.64 -0.06 3.59
C ALA A 4 -3.85 -1.20 2.93
N ALA A 5 -4.52 -2.02 2.11
CA ALA A 5 -3.90 -3.12 1.37
C ALA A 5 -3.15 -2.66 0.12
N LEU A 6 -3.50 -1.46 -0.39
CA LEU A 6 -2.80 -0.78 -1.47
C LEU A 6 -1.56 -0.09 -0.88
N LEU A 7 -1.76 0.62 0.24
CA LEU A 7 -0.75 1.27 1.08
C LEU A 7 0.40 0.31 1.45
N ALA A 8 0.03 -0.92 1.85
CA ALA A 8 0.94 -2.02 2.18
C ALA A 8 1.82 -2.51 1.03
N ALA A 9 1.42 -2.26 -0.23
CA ALA A 9 2.25 -2.51 -1.41
C ALA A 9 2.97 -1.23 -1.86
N ALA A 10 2.31 -0.06 -1.71
CA ALA A 10 2.85 1.26 -2.07
C ALA A 10 4.18 1.51 -1.35
N LYS A 11 4.18 1.16 -0.06
CA LYS A 11 5.29 0.84 0.83
C LYS A 11 6.57 0.30 0.16
N ALA A 12 6.43 -0.69 -0.73
CA ALA A 12 7.54 -1.41 -1.35
C ALA A 12 7.87 -0.88 -2.76
N TRP A 13 7.06 0.06 -3.24
CA TRP A 13 6.95 0.47 -4.65
C TRP A 13 7.46 1.91 -4.91
N NH2 A 14 7.37 2.72 -4.02
HN1 NH2 A 14 7.02 2.45 -3.12
HN2 NH2 A 14 7.64 3.68 -4.19
C ACE A 1 -9.09 5.99 2.22
O ACE A 1 -9.87 5.26 1.61
CH3 ACE A 1 -9.63 6.95 3.27
H1 ACE A 1 -10.24 7.71 2.79
H2 ACE A 1 -10.22 6.40 4.00
H3 ACE A 1 -8.80 7.44 3.78
N LEU A 2 -7.77 5.99 2.01
CA LEU A 2 -7.07 5.09 1.09
C LEU A 2 -7.00 3.67 1.70
N ASP A 3 -7.07 2.65 0.83
CA ASP A 3 -7.03 1.23 1.19
C ASP A 3 -5.68 0.85 1.83
N ALA A 4 -5.73 0.28 3.04
CA ALA A 4 -4.59 -0.26 3.78
C ALA A 4 -3.80 -1.33 3.00
N ALA A 5 -4.48 -2.10 2.15
CA ALA A 5 -3.86 -3.13 1.31
C ALA A 5 -3.20 -2.53 0.05
N LEU A 6 -3.59 -1.30 -0.33
CA LEU A 6 -2.96 -0.53 -1.39
C LEU A 6 -1.70 0.13 -0.79
N LEU A 7 -1.86 0.75 0.39
CA LEU A 7 -0.81 1.32 1.24
C LEU A 7 0.35 0.33 1.47
N ALA A 8 0.01 -0.93 1.78
CA ALA A 8 0.94 -2.05 1.97
C ALA A 8 1.77 -2.43 0.73
N ALA A 9 1.31 -2.08 -0.47
CA ALA A 9 2.07 -2.21 -1.71
C ALA A 9 2.79 -0.90 -2.06
N ALA A 10 2.14 0.24 -1.79
CA ALA A 10 2.68 1.59 -2.06
C ALA A 10 4.03 1.78 -1.36
N LYS A 11 4.07 1.32 -0.11
CA LYS A 11 5.23 0.93 0.71
C LYS A 11 6.47 0.44 -0.06
N ALA A 12 6.29 -0.48 -1.02
CA ALA A 12 7.38 -1.16 -1.73
C ALA A 12 7.66 -0.50 -3.09
N TRP A 13 6.84 0.50 -3.46
CA TRP A 13 6.71 1.03 -4.82
C TRP A 13 7.10 2.45 -5.03
N NH2 A 14 7.21 3.17 -3.93
HN1 NH2 A 14 6.99 2.77 -3.03
HN2 NH2 A 14 7.51 4.14 -3.99
C ACE A 1 -8.13 6.79 1.93
O ACE A 1 -8.61 7.18 0.86
CH3 ACE A 1 -8.37 7.60 3.20
H1 ACE A 1 -9.06 8.42 2.98
H2 ACE A 1 -8.81 6.95 3.96
H3 ACE A 1 -7.43 8.01 3.56
N LEU A 2 -7.39 5.68 2.05
CA LEU A 2 -7.08 4.74 0.97
C LEU A 2 -6.86 3.38 1.63
N ASP A 3 -7.13 2.32 0.85
CA ASP A 3 -7.06 0.91 1.19
C ASP A 3 -5.71 0.50 1.79
N ALA A 4 -5.70 0.09 3.07
CA ALA A 4 -4.51 -0.30 3.84
C ALA A 4 -3.67 -1.41 3.18
N ALA A 5 -4.35 -2.30 2.46
CA ALA A 5 -3.74 -3.41 1.70
C ALA A 5 -3.05 -2.93 0.41
N LEU A 6 -3.44 -1.77 -0.11
CA LEU A 6 -2.82 -1.09 -1.24
C LEU A 6 -1.60 -0.34 -0.72
N LEU A 7 -1.80 0.41 0.37
CA LEU A 7 -0.79 1.14 1.15
C LEU A 7 0.42 0.26 1.52
N ALA A 8 0.14 -0.97 1.97
CA ALA A 8 1.10 -2.01 2.32
C ALA A 8 1.97 -2.50 1.14
N ALA A 9 1.51 -2.33 -0.10
CA ALA A 9 2.29 -2.58 -1.31
C ALA A 9 2.95 -1.29 -1.81
N ALA A 10 2.25 -0.15 -1.70
CA ALA A 10 2.72 1.18 -2.12
C ALA A 10 4.05 1.52 -1.44
N LYS A 11 4.10 1.21 -0.14
CA LYS A 11 5.26 1.00 0.73
C LYS A 11 6.53 0.48 0.05
N ALA A 12 6.42 -0.56 -0.80
CA ALA A 12 7.55 -1.27 -1.41
C ALA A 12 7.82 -0.77 -2.83
N TRP A 13 6.96 0.12 -3.34
CA TRP A 13 6.82 0.47 -4.75
C TRP A 13 7.28 1.92 -5.07
N NH2 A 14 7.37 2.72 -4.02
HN1 NH2 A 14 7.10 2.40 -3.11
HN2 NH2 A 14 7.70 3.67 -4.14
C ACE A 1 -8.37 6.75 1.66
O ACE A 1 -8.70 7.12 0.54
CH3 ACE A 1 -8.82 7.55 2.88
H1 ACE A 1 -9.48 8.35 2.56
H2 ACE A 1 -9.35 6.89 3.57
H3 ACE A 1 -7.95 7.98 3.38
N LEU A 2 -7.62 5.67 1.89
CA LEU A 2 -7.12 4.74 0.88
C LEU A 2 -6.98 3.37 1.57
N ASP A 3 -7.10 2.29 0.78
CA ASP A 3 -7.03 0.91 1.19
C ASP A 3 -5.67 0.55 1.82
N ALA A 4 -5.67 0.14 3.10
CA ALA A 4 -4.48 -0.27 3.87
C ALA A 4 -3.64 -1.37 3.21
N ALA A 5 -4.32 -2.27 2.48
CA ALA A 5 -3.73 -3.36 1.71
C ALA A 5 -3.04 -2.87 0.42
N LEU A 6 -3.44 -1.71 -0.10
CA LEU A 6 -2.81 -1.03 -1.23
C LEU A 6 -1.58 -0.29 -0.71
N LEU A 7 -1.78 0.45 0.40
CA LEU A 7 -0.76 1.16 1.18
C LEU A 7 0.45 0.26 1.53
N ALA A 8 0.15 -0.97 1.98
CA ALA A 8 1.12 -2.01 2.31
C ALA A 8 1.97 -2.51 1.12
N ALA A 9 1.50 -2.32 -0.12
CA ALA A 9 2.28 -2.58 -1.33
C ALA A 9 2.94 -1.29 -1.83
N ALA A 10 2.26 -0.15 -1.70
CA ALA A 10 2.74 1.18 -2.12
C ALA A 10 4.09 1.51 -1.45
N LYS A 11 4.14 1.20 -0.15
CA LYS A 11 5.29 0.95 0.72
C LYS A 11 6.56 0.42 0.03
N ALA A 12 6.43 -0.60 -0.83
CA ALA A 12 7.54 -1.31 -1.45
C ALA A 12 7.82 -0.82 -2.87
N TRP A 13 6.97 0.09 -3.36
CA TRP A 13 6.83 0.45 -4.78
C TRP A 13 7.29 1.90 -5.08
N NH2 A 14 7.37 2.72 -4.02
HN1 NH2 A 14 7.09 2.40 -3.11
HN2 NH2 A 14 7.70 3.67 -4.14
C ACE A 1 -8.58 6.01 2.45
O ACE A 1 -9.53 5.27 2.17
CH3 ACE A 1 -8.74 7.07 3.52
H1 ACE A 1 -9.43 7.84 3.16
H2 ACE A 1 -9.13 6.62 4.42
H3 ACE A 1 -7.77 7.53 3.73
N LEU A 2 -7.38 5.91 1.85
CA LEU A 2 -7.02 4.90 0.86
C LEU A 2 -6.81 3.53 1.54
N ASP A 3 -7.11 2.46 0.79
CA ASP A 3 -7.05 1.05 1.13
C ASP A 3 -5.70 0.64 1.74
N ALA A 4 -5.70 0.24 3.02
CA ALA A 4 -4.52 -0.17 3.80
C ALA A 4 -3.69 -1.28 3.15
N ALA A 5 -4.37 -2.19 2.44
CA ALA A 5 -3.78 -3.29 1.68
C ALA A 5 -3.07 -2.85 0.40
N LEU A 6 -3.45 -1.67 -0.13
CA LEU A 6 -2.82 -1.02 -1.27
C LEU A 6 -1.59 -0.27 -0.74
N LEU A 7 -1.79 0.48 0.34
CA LEU A 7 -0.76 1.20 1.11
C LEU A 7 0.43 0.30 1.49
N ALA A 8 0.12 -0.92 1.96
CA ALA A 8 1.08 -1.96 2.31
C ALA A 8 1.94 -2.49 1.15
N ALA A 9 1.49 -2.31 -0.10
CA ALA A 9 2.28 -2.58 -1.30
C ALA A 9 2.96 -1.30 -1.81
N ALA A 10 2.26 -0.15 -1.71
CA ALA A 10 2.75 1.17 -2.13
C ALA A 10 4.09 1.49 -1.45
N LYS A 11 4.13 1.20 -0.15
CA LYS A 11 5.27 0.97 0.73
C LYS A 11 6.55 0.43 0.04
N ALA A 12 6.42 -0.61 -0.79
CA ALA A 12 7.54 -1.34 -1.39
C ALA A 12 7.83 -0.85 -2.82
N TRP A 13 6.99 0.04 -3.34
CA TRP A 13 6.86 0.39 -4.76
C TRP A 13 7.34 1.83 -5.07
N NH2 A 14 7.37 2.72 -4.02
HN1 NH2 A 14 7.07 2.44 -3.10
HN2 NH2 A 14 7.69 3.67 -4.18
C ACE A 1 -8.83 6.18 1.49
O ACE A 1 -9.58 5.45 0.85
CH3 ACE A 1 -9.39 7.18 2.48
H1 ACE A 1 -10.00 7.92 1.95
H2 ACE A 1 -10.03 6.67 3.20
H3 ACE A 1 -8.58 7.68 3.00
N LEU A 2 -7.49 6.14 1.36
CA LEU A 2 -6.76 5.19 0.52
C LEU A 2 -6.77 3.79 1.16
N ASP A 3 -6.80 2.75 0.32
CA ASP A 3 -6.83 1.34 0.71
C ASP A 3 -5.54 0.94 1.45
N ALA A 4 -5.68 0.40 2.66
CA ALA A 4 -4.61 -0.15 3.49
C ALA A 4 -3.79 -1.26 2.79
N ALA A 5 -4.46 -2.04 1.92
CA ALA A 5 -3.81 -3.10 1.14
C ALA A 5 -3.06 -2.56 -0.09
N LEU A 6 -3.38 -1.33 -0.52
CA LEU A 6 -2.66 -0.59 -1.55
C LEU A 6 -1.43 0.05 -0.89
N LEU A 7 -1.64 0.70 0.25
CA LEU A 7 -0.62 1.26 1.15
C LEU A 7 0.50 0.26 1.49
N ALA A 8 0.11 -0.99 1.78
CA ALA A 8 0.99 -2.13 2.04
C ALA A 8 1.90 -2.55 0.88
N ALA A 9 1.52 -2.19 -0.36
CA ALA A 9 2.37 -2.35 -1.55
C ALA A 9 3.10 -1.04 -1.88
N ALA A 10 2.43 0.12 -1.70
CA ALA A 10 2.98 1.47 -1.95
C ALA A 10 4.30 1.66 -1.20
N LYS A 11 4.30 1.20 0.05
CA LYS A 11 5.42 0.79 0.91
C LYS A 11 6.71 0.32 0.21
N ALA A 12 6.59 -0.59 -0.77
CA ALA A 12 7.72 -1.25 -1.44
C ALA A 12 7.96 -0.68 -2.85
N TRP A 13 7.08 0.24 -3.26
CA TRP A 13 6.81 0.63 -4.65
C TRP A 13 6.95 2.10 -4.97
N NH2 A 14 7.10 2.88 -3.88
HN1 NH2 A 14 7.10 2.46 -2.96
HN2 NH2 A 14 7.22 3.88 -3.98
C ACE A 1 -8.88 6.17 1.43
O ACE A 1 -9.65 5.41 0.85
CH3 ACE A 1 -9.43 7.21 2.39
H1 ACE A 1 -10.02 7.94 1.83
H2 ACE A 1 -10.06 6.72 3.14
H3 ACE A 1 -8.60 7.73 2.89
N LEU A 2 -7.55 6.13 1.28
CA LEU A 2 -6.83 5.14 0.45
C LEU A 2 -6.82 3.78 1.17
N ASP A 3 -6.87 2.70 0.38
CA ASP A 3 -6.88 1.30 0.84
C ASP A 3 -5.57 0.95 1.56
N ALA A 4 -5.68 0.46 2.80
CA ALA A 4 -4.59 -0.05 3.63
C ALA A 4 -3.79 -1.18 2.97
N ALA A 5 -4.45 -2.00 2.15
CA ALA A 5 -3.82 -3.10 1.40
C ALA A 5 -3.10 -2.61 0.14
N LEU A 6 -3.45 -1.40 -0.35
CA LEU A 6 -2.76 -0.71 -1.43
C LEU A 6 -1.51 -0.05 -0.83
N LEU A 7 -1.70 0.65 0.28
CA LEU A 7 -0.67 1.27 1.14
C LEU A 7 0.48 0.29 1.49
N ALA A 8 0.09 -0.95 1.85
CA ALA A 8 0.98 -2.07 2.17
C ALA A 8 1.86 -2.54 1.00
N ALA A 9 1.47 -2.26 -0.25
CA ALA A 9 2.28 -2.48 -1.44
C ALA A 9 3.00 -1.19 -1.86
N ALA A 10 2.35 -0.03 -1.72
CA ALA A 10 2.89 1.30 -2.04
C ALA A 10 4.23 1.53 -1.33
N LYS A 11 4.24 1.14 -0.05
CA LYS A 11 5.36 0.79 0.81
C LYS A 11 6.65 0.27 0.12
N ALA A 12 6.52 -0.71 -0.79
CA ALA A 12 7.63 -1.41 -1.43
C ALA A 12 7.87 -0.89 -2.87
N TRP A 13 7.02 0.03 -3.31
CA TRP A 13 6.77 0.38 -4.70
C TRP A 13 6.95 1.90 -5.00
N NH2 A 14 7.50 2.68 -4.02
HN1 NH2 A 14 7.76 2.28 -3.13
HN2 NH2 A 14 7.65 3.67 -4.19
C ACE A 1 -8.84 6.00 1.86
O ACE A 1 -9.69 5.31 1.30
CH3 ACE A 1 -9.27 7.03 2.90
H1 ACE A 1 -9.90 7.77 2.43
H2 ACE A 1 -9.82 6.53 3.69
H3 ACE A 1 -8.38 7.51 3.32
N LEU A 2 -7.53 5.92 1.60
CA LEU A 2 -6.92 4.94 0.69
C LEU A 2 -6.84 3.56 1.37
N ASP A 3 -6.95 2.50 0.57
CA ASP A 3 -6.92 1.10 0.96
C ASP A 3 -5.59 0.71 1.63
N ALA A 4 -5.63 0.26 2.89
CA ALA A 4 -4.49 -0.19 3.69
C ALA A 4 -3.65 -1.30 3.01
N ALA A 5 -4.34 -2.16 2.25
CA ALA A 5 -3.75 -3.24 1.45
C ALA A 5 -3.01 -2.74 0.20
N LEU A 6 -3.36 -1.55 -0.28
CA LEU A 6 -2.69 -0.85 -1.38
C LEU A 6 -1.46 -0.16 -0.79
N LEU A 7 -1.66 0.56 0.32
CA LEU A 7 -0.63 1.21 1.15
C LEU A 7 0.53 0.27 1.51
N ALA A 8 0.19 -0.96 1.90
CA ALA A 8 1.12 -2.05 2.23
C ALA A 8 2.00 -2.53 1.06
N ALA A 9 1.57 -2.28 -0.19
CA ALA A 9 2.38 -2.51 -1.39
C ALA A 9 3.08 -1.22 -1.83
N ALA A 10 2.41 -0.07 -1.68
CA ALA A 10 2.92 1.26 -2.05
C ALA A 10 4.25 1.54 -1.34
N LYS A 11 4.27 1.19 -0.06
CA LYS A 11 5.41 0.89 0.81
C LYS A 11 6.69 0.37 0.11
N ALA A 12 6.56 -0.62 -0.78
CA ALA A 12 7.67 -1.33 -1.41
C ALA A 12 7.96 -0.79 -2.82
N TRP A 13 7.12 0.14 -3.30
CA TRP A 13 6.97 0.52 -4.70
C TRP A 13 7.45 1.97 -4.98
N NH2 A 14 7.37 2.72 -4.02
HN1 NH2 A 14 7.04 2.37 -3.13
HN2 NH2 A 14 7.61 3.70 -4.12
C ACE A 1 -9.00 6.12 1.57
O ACE A 1 -9.78 5.35 1.03
CH3 ACE A 1 -9.53 7.20 2.50
H1 ACE A 1 -10.12 7.91 1.93
H2 ACE A 1 -10.16 6.74 3.27
H3 ACE A 1 -8.69 7.72 2.98
N LEU A 2 -7.67 6.09 1.37
CA LEU A 2 -6.97 5.08 0.55
C LEU A 2 -6.92 3.74 1.30
N ASP A 3 -6.99 2.64 0.56
CA ASP A 3 -6.97 1.26 1.05
C ASP A 3 -5.64 0.93 1.75
N ALA A 4 -5.71 0.49 3.01
CA ALA A 4 -4.58 0.01 3.82
C ALA A 4 -3.79 -1.14 3.16
N ALA A 5 -4.48 -1.99 2.40
CA ALA A 5 -3.86 -3.10 1.67
C ALA A 5 -3.19 -2.64 0.36
N LEU A 6 -3.55 -1.46 -0.14
CA LEU A 6 -2.90 -0.80 -1.27
C LEU A 6 -1.64 -0.11 -0.74
N LEU A 7 -1.81 0.64 0.37
CA LEU A 7 -0.75 1.28 1.16
C LEU A 7 0.39 0.31 1.51
N ALA A 8 0.03 -0.91 1.94
CA ALA A 8 0.94 -2.01 2.26
C ALA A 8 1.78 -2.52 1.07
N ALA A 9 1.34 -2.29 -0.17
CA ALA A 9 2.12 -2.55 -1.38
C ALA A 9 2.85 -1.29 -1.85
N ALA A 10 2.22 -0.11 -1.69
CA ALA A 10 2.77 1.19 -2.08
C ALA A 10 4.12 1.44 -1.39
N LYS A 11 4.15 1.07 -0.11
CA LYS A 11 5.29 0.78 0.77
C LYS A 11 6.54 0.20 0.08
N ALA A 12 6.36 -0.77 -0.84
CA ALA A 12 7.43 -1.52 -1.48
C ALA A 12 7.72 -1.01 -2.90
N TRP A 13 6.93 -0.04 -3.36
CA TRP A 13 6.80 0.37 -4.76
C TRP A 13 7.36 1.79 -5.02
N NH2 A 14 7.37 2.72 -4.02
HN1 NH2 A 14 7.03 2.48 -3.10
HN2 NH2 A 14 7.71 3.66 -4.20
C ACE A 1 -8.82 6.00 2.16
O ACE A 1 -9.73 5.29 1.72
CH3 ACE A 1 -9.13 7.05 3.22
H1 ACE A 1 -9.79 7.80 2.79
H2 ACE A 1 -9.61 6.58 4.07
H3 ACE A 1 -8.20 7.53 3.54
N LEU A 2 -7.55 5.89 1.75
CA LEU A 2 -7.05 4.89 0.81
C LEU A 2 -6.91 3.53 1.50
N ASP A 3 -7.08 2.45 0.73
CA ASP A 3 -7.01 1.05 1.13
C ASP A 3 -5.67 0.69 1.77
N ALA A 4 -5.67 0.29 3.05
CA ALA A 4 -4.49 -0.13 3.83
C ALA A 4 -3.67 -1.26 3.17
N ALA A 5 -4.36 -2.15 2.45
CA ALA A 5 -3.77 -3.25 1.69
C ALA A 5 -3.06 -2.79 0.40
N LEU A 6 -3.45 -1.62 -0.13
CA LEU A 6 -2.81 -0.96 -1.26
C LEU A 6 -1.58 -0.23 -0.73
N LEU A 7 -1.76 0.52 0.37
CA LEU A 7 -0.73 1.22 1.14
C LEU A 7 0.46 0.31 1.50
N ALA A 8 0.15 -0.91 1.96
CA ALA A 8 1.10 -1.97 2.31
C ALA A 8 1.94 -2.49 1.13
N ALA A 9 1.49 -2.30 -0.11
CA ALA A 9 2.27 -2.58 -1.33
C ALA A 9 2.95 -1.29 -1.82
N ALA A 10 2.28 -0.13 -1.71
CA ALA A 10 2.78 1.17 -2.13
C ALA A 10 4.12 1.49 -1.46
N LYS A 11 4.16 1.18 -0.15
CA LYS A 11 5.31 0.93 0.72
C LYS A 11 6.58 0.38 0.03
N ALA A 12 6.44 -0.65 -0.82
CA ALA A 12 7.55 -1.38 -1.43
C ALA A 12 7.83 -0.89 -2.86
N TRP A 13 6.99 0.02 -3.36
CA TRP A 13 6.86 0.38 -4.77
C TRP A 13 7.35 1.82 -5.08
N NH2 A 14 7.37 2.72 -4.02
HN1 NH2 A 14 7.06 2.44 -3.10
HN2 NH2 A 14 7.69 3.67 -4.18
#